data_6M4T
#
_entry.id   6M4T
#
_cell.length_a   57.204
_cell.length_b   62.631
_cell.length_c   29.743
_cell.angle_alpha   90.000
_cell.angle_beta   121.290
_cell.angle_gamma   90.000
#
_symmetry.space_group_name_H-M   'P 1 21 1'
#
loop_
_entity.id
_entity.type
_entity.pdbx_description
1 polymer "DNA (5'-D(P*(UD)P*TP*CP*TP*GP*CP*TP*GP*CP*TP*GP*AP*A)-3')"
2 non-polymer 'COBALT (II) ION'
3 non-polymer N4-[4-[(6-chloranyl-2-methoxy-acridin-9-yl)amino]butyl]-1,3,5-triazine-2,4,6-triamine
4 water water
#
_entity_poly.entity_id   1
_entity_poly.type   'polydeoxyribonucleotide'
_entity_poly.pdbx_seq_one_letter_code
;(BRU)(DT)(DC)(DT)(DG)(DC)(DT)(DG)(DC)(DT)(DG)(DA)(DA)
;
_entity_poly.pdbx_strand_id   A,B,C,D
#
loop_
_chem_comp.id
_chem_comp.type
_chem_comp.name
_chem_comp.formula
BRU DNA linking 5-BROMO-2'-DEOXYURIDINE-5'-MONOPHOSPHATE 'C9 H12 Br N2 O8 P'
CO non-polymer 'COBALT (II) ION' 'Co 2'
DA DNA linking 2'-DEOXYADENOSINE-5'-MONOPHOSPHATE 'C10 H14 N5 O6 P'
DC DNA linking 2'-DEOXYCYTIDINE-5'-MONOPHOSPHATE 'C9 H14 N3 O7 P'
DG DNA linking 2'-DEOXYGUANOSINE-5'-MONOPHOSPHATE 'C10 H14 N5 O7 P'
DT DNA linking THYMIDINE-5'-MONOPHOSPHATE 'C10 H15 N2 O8 P'
F1R non-polymer N4-[4-[(6-chloranyl-2-methoxy-acridin-9-yl)amino]butyl]-1,3,5-triazine-2,4,6-triamine 'C21 H23 Cl N8 O'
#
# COMPACT_ATOMS: atom_id res chain seq x y z
N1 BRU A 1 10.68 18.32 -3.62
C2 BRU A 1 11.69 17.57 -4.04
N3 BRU A 1 12.67 17.23 -3.22
C4 BRU A 1 12.70 17.64 -1.96
C5 BRU A 1 11.66 18.43 -1.51
C6 BRU A 1 10.64 18.78 -2.38
O2 BRU A 1 11.71 17.19 -5.14
O4 BRU A 1 13.58 17.34 -1.23
BR BRU A 1 11.65 19.06 0.33
C1' BRU A 1 9.71 18.67 -4.49
C2' BRU A 1 8.38 17.88 -4.36
C3' BRU A 1 7.45 18.71 -4.54
C4' BRU A 1 8.13 20.22 -4.65
O3' BRU A 1 6.78 18.45 -5.83
O4' BRU A 1 9.31 20.14 -4.23
C5' BRU A 1 7.35 21.28 -3.88
O5' BRU A 1 7.87 21.36 -2.57
P BRU A 1 8.27 22.83 -1.96
OP1 BRU A 1 9.47 23.37 -2.72
OP2 BRU A 1 8.61 22.74 -0.50
N1 BRU B 1 8.42 -16.14 11.65
C2 BRU B 1 8.82 -15.41 12.70
N3 BRU B 1 10.07 -15.01 12.83
C4 BRU B 1 10.99 -15.29 11.92
C5 BRU B 1 10.60 -16.05 10.83
C6 BRU B 1 9.29 -16.49 10.72
O2 BRU B 1 8.05 -15.11 13.54
O4 BRU B 1 12.11 -14.91 12.05
BR BRU B 1 11.89 -16.52 9.46
C1' BRU B 1 7.14 -16.59 11.55
C2' BRU B 1 6.21 -15.95 10.49
C3' BRU B 1 5.60 -16.89 9.91
C4' BRU B 1 6.19 -18.32 10.49
O3' BRU B 1 4.17 -16.92 10.27
O4' BRU B 1 7.24 -18.07 11.14
C5' BRU B 1 6.46 -19.33 9.38
O5' BRU B 1 6.91 -20.52 9.99
P BRU B 1 8.52 -20.77 10.10
OP1 BRU B 1 8.81 -21.78 11.21
OP2 BRU B 1 9.06 -21.29 8.79
N1 BRU C 1 -16.32 9.74 9.48
C2 BRU C 1 -17.08 8.67 9.50
N3 BRU C 1 -18.21 8.60 8.81
C4 BRU C 1 -18.65 9.63 8.08
C5 BRU C 1 -17.88 10.78 8.07
C6 BRU C 1 -16.68 10.82 8.80
O2 BRU C 1 -16.75 7.73 10.13
O4 BRU C 1 -19.67 9.55 7.48
BR BRU C 1 -18.43 12.33 7.03
C1' BRU C 1 -15.19 9.75 10.24
C2' BRU C 1 -13.84 9.88 9.47
C3' BRU C 1 -13.23 10.87 9.95
C4' BRU C 1 -14.22 11.63 11.04
O3' BRU C 1 -12.04 10.53 10.75
O4' BRU C 1 -15.27 10.95 11.20
C5' BRU C 1 -14.57 13.04 10.60
O5' BRU C 1 -15.63 13.49 11.43
P BRU C 1 -17.09 13.80 10.74
OP1 BRU C 1 -18.07 14.31 11.79
OP2 BRU C 1 -16.94 14.82 9.64
N1 BRU D 1 -2.69 -11.90 -17.70
C2 BRU D 1 -3.42 -11.00 -18.38
N3 BRU D 1 -4.71 -11.21 -18.66
C4 BRU D 1 -5.34 -12.31 -18.26
C5 BRU D 1 -4.60 -13.25 -17.57
C6 BRU D 1 -3.24 -13.02 -17.30
O2 BRU D 1 -2.90 -10.01 -18.75
O4 BRU D 1 -6.50 -12.48 -18.51
BR BRU D 1 -5.38 -14.92 -16.95
C1' BRU D 1 -1.37 -11.69 -17.48
C2' BRU D 1 -0.93 -11.48 -15.99
C3' BRU D 1 0.05 -12.23 -15.78
C4' BRU D 1 0.21 -13.27 -17.05
O3' BRU D 1 1.35 -11.51 -15.79
O4' BRU D 1 -0.66 -13.01 -17.92
C5' BRU D 1 0.15 -14.73 -16.61
O5' BRU D 1 -1.14 -15.01 -16.13
P BRU D 1 -2.04 -16.16 -16.90
OP1 BRU D 1 -1.57 -16.26 -18.35
OP2 BRU D 1 -1.91 -17.50 -16.22
CO CO E . 9.27 1.61 -0.71
CO CO F . -6.31 1.27 -6.92
CAI F1R G . -17.07 3.22 0.20
CAJ F1R G . -18.20 2.46 0.48
CAK F1R G . -18.10 1.50 1.45
CAL F1R G . -16.86 1.30 2.14
CAM F1R G . -15.76 2.08 1.82
CAN F1R G . -15.86 3.07 0.85
CAO F1R G . -14.43 0.99 3.43
CAP F1R G . -15.48 0.15 3.81
CAQ F1R G . -16.77 0.27 3.15
CAR F1R G . -15.30 -0.83 4.83
CAS F1R G . -14.06 -0.93 5.48
CAT F1R G . -15.07 -2.39 7.01
CAU F1R G . -13.01 -0.10 5.07
CAV F1R G . -13.15 0.87 4.08
CAW F1R G . -13.35 -2.94 2.55
CAX F1R G . -15.08 -2.32 1.17
CAY F1R G . -13.14 -1.07 1.19
CBB F1R G . -18.81 -1.25 2.54
CBC F1R G . -19.06 -2.77 2.59
CBD F1R G . -17.77 -3.61 2.47
CBE F1R G . -17.17 -3.76 1.06
NAA F1R G . -14.56 1.93 2.45
NAB F1R G . -17.88 -0.63 3.53
NAC F1R G . -12.80 -3.82 3.55
NAD F1R G . -14.59 -3.15 2.08
NAE F1R G . -16.42 -2.57 0.64
NAF F1R G . -14.36 -1.29 0.71
NAG F1R G . -12.38 0.07 0.73
NAH F1R G . -12.65 -1.89 2.09
OAZ F1R G . -13.87 -1.86 6.49
CLA F1R G . -17.20 4.47 -1.01
CO CO H . 5.99 0.69 7.38
CO CO I . -9.00 -2.37 0.53
CAI F1R J . -10.99 -6.38 -11.84
CAJ F1R J . -11.72 -5.77 -12.85
CAK F1R J . -11.14 -4.73 -13.53
CAL F1R J . -9.83 -4.29 -13.19
CAM F1R J . -9.13 -4.91 -12.18
CAN F1R J . -9.72 -5.99 -11.48
CAO F1R J . -7.27 -3.47 -12.53
CAP F1R J . -7.93 -2.79 -13.55
CAQ F1R J . -9.27 -3.19 -13.92
CAR F1R J . -7.28 -1.72 -14.22
CAS F1R J . -5.97 -1.35 -13.85
CAT F1R J . -5.90 0.09 -15.73
CAU F1R J . -5.34 -2.01 -12.80
CAV F1R J . -5.96 -3.06 -12.15
CAW F1R J . -7.87 0.58 -11.45
CAX F1R J . -9.94 -0.34 -11.63
CAY F1R J . -8.42 -1.27 -10.18
CBB F1R J . -11.39 -2.02 -14.90
CBC F1R J . -11.77 -0.58 -15.34
CBD F1R J . -11.14 0.55 -14.49
CBE F1R J . -11.70 0.75 -13.07
NAA F1R J . -7.86 -4.51 -11.84
NAB F1R J . -9.96 -2.45 -14.99
NAC F1R J . -6.91 1.59 -11.81
NAD F1R J . -9.09 0.58 -11.99
NAE F1R J . -11.27 -0.36 -12.22
NAF F1R J . -9.63 -1.27 -10.74
NAG F1R J . -8.09 -2.28 -9.21
NAH F1R J . -7.56 -0.34 -10.53
OAZ F1R J . -5.32 -0.30 -14.53
CLA F1R J . -11.75 -7.73 -11.01
CAI F1R K . 14.12 9.82 2.61
CAJ F1R K . 15.46 9.67 2.32
CAK F1R K . 15.81 9.10 1.11
CAL F1R K . 14.79 8.66 0.21
CAM F1R K . 13.46 8.81 0.54
CAN F1R K . 13.09 9.40 1.77
CAO F1R K . 12.81 7.83 -1.53
CAP F1R K . 14.10 7.64 -1.92
CAQ F1R K . 15.16 8.06 -1.04
CAR F1R K . 14.39 7.05 -3.18
CAS F1R K . 13.34 6.65 -4.02
CAT F1R K . 14.35 6.90 -6.12
CAU F1R K . 12.01 6.83 -3.62
CAV F1R K . 11.73 7.41 -2.38
CAW F1R K . 13.09 4.07 -1.99
CAX F1R K . 14.54 4.68 -0.34
CAY F1R K . 12.28 4.99 -0.07
CBB F1R K . 17.68 7.32 -0.63
CBC F1R K . 18.42 6.21 -1.40
CBD F1R K . 17.43 5.10 -1.82
CBE F1R K . 17.02 4.20 -0.64
NAA F1R K . 12.48 8.39 -0.33
NAB F1R K . 16.57 7.87 -1.46
NAC F1R K . 12.89 3.51 -3.31
NAD F1R K . 14.33 4.16 -1.53
NAE F1R K . 15.91 4.76 0.15
NAF F1R K . 13.52 5.09 0.40
NAG F1R K . 11.16 5.45 0.70
NAH F1R K . 12.07 4.49 -1.26
OAZ F1R K . 13.65 6.06 -5.25
CLA F1R K . 13.73 10.56 4.17
CAI F1R L . 13.45 -6.78 8.64
CAJ F1R L . 14.09 -6.36 9.82
CAK F1R L . 13.33 -5.81 10.87
CAL F1R L . 11.93 -5.67 10.73
CAM F1R L . 11.31 -6.07 9.57
CAN F1R L . 12.08 -6.63 8.51
CAO F1R L . 9.19 -5.40 10.46
CAP F1R L . 9.73 -4.97 11.63
CAQ F1R L . 11.16 -5.10 11.81
CAR F1R L . 8.91 -4.41 12.65
CAS F1R L . 7.53 -4.31 12.45
CAT F1R L . 6.84 -4.40 14.68
CAU F1R L . 6.97 -4.74 11.25
CAV F1R L . 7.78 -5.29 10.25
CAW F1R L . 8.30 -1.77 10.67
CAX F1R L . 10.62 -1.94 10.68
CAY F1R L . 9.40 -2.68 8.85
CBB F1R L . 13.08 -3.91 12.98
CBC F1R L . 13.08 -2.78 14.04
CBD F1R L . 13.21 -1.38 13.41
CBE F1R L . 11.97 -0.98 12.60
NAA F1R L . 9.95 -5.93 9.46
NAB F1R L . 11.82 -4.67 13.04
NAC F1R L . 7.07 -1.36 11.32
NAD F1R L . 9.48 -1.57 11.29
NAE F1R L . 11.90 -1.74 11.35
NAF F1R L . 10.58 -2.50 9.46
NAG F1R L . 9.35 -3.30 7.53
NAH F1R L . 8.26 -2.32 9.45
OAZ F1R L . 6.71 -3.77 13.44
CLA F1R L . 14.42 -7.48 7.31
#